data_9F5D
#
_entry.id   9F5D
#
_cell.length_a   38.022
_cell.length_b   43.796
_cell.length_c   55.799
_cell.angle_alpha   90.000
_cell.angle_beta   93.340
_cell.angle_gamma   90.000
#
_symmetry.space_group_name_H-M   'P 1 21 1'
#
loop_
_entity.id
_entity.type
_entity.pdbx_description
1 polymer 'Heterogeneous nuclear ribonucleoprotein A1, N-terminally processed'
2 non-polymer 5-[(phenylmethyl)amino]-1H-pyrimidine-2,4-dione
3 water water
#
_entity_poly.entity_id   1
_entity_poly.type   'polypeptide(L)'
_entity_poly.pdbx_seq_one_letter_code
;GPMGSKSESPKEPEQLRKLFIGGLSFETTDESLRSHFEQWGTLTDCVVMRDPNTKRSRGFGFVTYATVEEVDAAMNARPH
KVDGRVVEPKRAVSREDSQRPGAHLTVKKIFVGGIKEDTEEHHLRDYFEQYGKIEVIEIMTDRGSGKKRGFAFVTFDDHD
SVDKIVIQKYHTVNGHNCEVRKALSKQEMASASSSQRG
;
_entity_poly.pdbx_strand_id   A
#
# COMPACT_ATOMS: atom_id res chain seq x y z
N LYS A 11 11.36 17.47 -1.56
CA LYS A 11 11.47 16.08 -1.99
C LYS A 11 10.87 15.14 -0.94
N GLU A 12 9.97 14.27 -1.38
CA GLU A 12 9.35 13.30 -0.50
C GLU A 12 10.43 12.37 0.06
N PRO A 13 10.30 11.93 1.32
CA PRO A 13 11.27 11.00 1.89
C PRO A 13 11.45 9.76 1.03
N GLU A 14 12.71 9.36 0.84
CA GLU A 14 13.03 8.22 -0.02
C GLU A 14 12.29 6.96 0.40
N GLN A 15 12.08 6.77 1.70
CA GLN A 15 11.45 5.54 2.16
C GLN A 15 10.03 5.39 1.62
N LEU A 16 9.37 6.52 1.37
CA LEU A 16 8.01 6.51 0.84
C LEU A 16 7.99 6.41 -0.68
N ARG A 17 9.16 6.40 -1.33
CA ARG A 17 9.26 6.29 -2.78
C ARG A 17 9.77 4.92 -3.22
N LYS A 18 9.86 3.98 -2.29
CA LYS A 18 10.52 2.71 -2.52
C LYS A 18 9.48 1.60 -2.65
N LEU A 19 9.70 0.68 -3.58
CA LEU A 19 8.91 -0.54 -3.63
C LEU A 19 9.81 -1.73 -3.44
N PHE A 20 9.46 -2.58 -2.48
N PHE A 20 9.47 -2.60 -2.49
CA PHE A 20 10.01 -3.92 -2.43
CA PHE A 20 10.08 -3.93 -2.45
C PHE A 20 9.37 -4.74 -3.54
C PHE A 20 9.39 -4.82 -3.46
N ILE A 21 10.17 -5.50 -4.28
CA ILE A 21 9.66 -6.36 -5.35
C ILE A 21 10.00 -7.79 -4.99
N GLY A 22 9.02 -8.56 -4.54
CA GLY A 22 9.23 -9.96 -4.25
C GLY A 22 8.87 -10.86 -5.42
N GLY A 23 9.31 -12.11 -5.33
CA GLY A 23 8.90 -13.07 -6.33
C GLY A 23 9.58 -12.93 -7.67
N LEU A 24 10.77 -12.33 -7.72
CA LEU A 24 11.47 -12.16 -8.97
C LEU A 24 11.88 -13.50 -9.57
N SER A 25 11.90 -13.54 -10.89
CA SER A 25 12.70 -14.55 -11.56
C SER A 25 14.16 -14.38 -11.19
N PHE A 26 14.84 -15.51 -10.96
CA PHE A 26 16.27 -15.44 -10.65
C PHE A 26 17.06 -14.88 -11.81
N GLU A 27 16.47 -14.81 -13.01
CA GLU A 27 17.17 -14.26 -14.15
C GLU A 27 17.04 -12.74 -14.24
N THR A 28 16.17 -12.14 -13.44
CA THR A 28 16.03 -10.69 -13.46
C THR A 28 17.29 -10.01 -12.92
N THR A 29 17.71 -8.95 -13.58
CA THR A 29 18.90 -8.18 -13.26
C THR A 29 18.51 -6.76 -12.87
N ASP A 30 19.48 -6.02 -12.30
CA ASP A 30 19.26 -4.59 -12.08
C ASP A 30 18.73 -3.94 -13.35
N GLU A 31 19.34 -4.29 -14.47
CA GLU A 31 18.99 -3.64 -15.74
C GLU A 31 17.58 -4.03 -16.18
N SER A 32 17.22 -5.32 -16.09
CA SER A 32 15.90 -5.70 -16.58
C SER A 32 14.80 -5.28 -15.61
N LEU A 33 15.10 -5.24 -14.32
CA LEU A 33 14.11 -4.72 -13.37
C LEU A 33 13.87 -3.23 -13.62
N ARG A 34 14.94 -2.50 -13.94
CA ARG A 34 14.86 -1.07 -14.21
C ARG A 34 14.09 -0.83 -15.50
N SER A 35 14.43 -1.58 -16.56
CA SER A 35 13.70 -1.36 -17.81
C SER A 35 12.23 -1.62 -17.65
N HIS A 36 11.84 -2.60 -16.81
CA HIS A 36 10.42 -2.81 -16.57
C HIS A 36 9.80 -1.62 -15.84
N PHE A 37 10.34 -1.27 -14.67
CA PHE A 37 9.62 -0.33 -13.83
C PHE A 37 9.78 1.12 -14.24
N GLU A 38 10.75 1.42 -15.12
CA GLU A 38 10.87 2.78 -15.63
C GLU A 38 9.66 3.15 -16.47
N GLN A 39 8.83 2.17 -16.86
CA GLN A 39 7.64 2.53 -17.63
C GLN A 39 6.69 3.41 -16.83
N TRP A 40 6.78 3.40 -15.50
CA TRP A 40 5.84 4.16 -14.68
C TRP A 40 6.47 5.31 -13.93
N GLY A 41 7.73 5.63 -14.18
CA GLY A 41 8.32 6.80 -13.57
C GLY A 41 9.82 6.77 -13.62
N THR A 42 10.41 7.88 -13.18
CA THR A 42 11.86 7.97 -13.08
C THR A 42 12.34 7.16 -11.89
N LEU A 43 13.30 6.25 -12.11
CA LEU A 43 13.88 5.45 -11.03
C LEU A 43 15.20 6.06 -10.58
N THR A 44 15.28 6.44 -9.30
CA THR A 44 16.52 6.92 -8.73
C THR A 44 17.42 5.79 -8.24
N ASP A 45 16.88 4.58 -8.09
CA ASP A 45 17.61 3.42 -7.63
C ASP A 45 16.87 2.18 -8.08
N CYS A 46 17.62 1.10 -8.33
CA CYS A 46 16.96 -0.14 -8.70
C CYS A 46 17.99 -1.24 -8.52
N VAL A 47 17.70 -2.21 -7.65
N VAL A 47 17.76 -2.17 -7.61
CA VAL A 47 18.67 -3.21 -7.21
CA VAL A 47 18.73 -3.24 -7.41
C VAL A 47 18.00 -4.58 -7.10
C VAL A 47 18.00 -4.56 -7.19
N VAL A 48 18.64 -5.62 -7.66
CA VAL A 48 18.28 -7.00 -7.38
C VAL A 48 19.19 -7.50 -6.27
N MET A 49 18.62 -8.09 -5.22
CA MET A 49 19.48 -8.59 -4.16
C MET A 49 20.03 -9.94 -4.55
N ARG A 50 21.34 -10.13 -4.29
CA ARG A 50 22.07 -11.32 -4.69
C ARG A 50 22.88 -11.85 -3.53
N ASP A 51 23.21 -13.14 -3.62
CA ASP A 51 24.13 -13.74 -2.69
C ASP A 51 25.50 -13.09 -2.82
N PRO A 52 26.18 -12.78 -1.71
CA PRO A 52 27.49 -12.11 -1.81
C PRO A 52 28.59 -13.00 -2.39
N ASN A 53 28.47 -14.32 -2.31
CA ASN A 53 29.51 -15.23 -2.80
C ASN A 53 29.18 -15.82 -4.17
N THR A 54 27.95 -16.30 -4.36
CA THR A 54 27.59 -16.96 -5.62
C THR A 54 27.09 -16.00 -6.67
N LYS A 55 26.68 -14.80 -6.27
CA LYS A 55 26.00 -13.82 -7.11
C LYS A 55 24.64 -14.31 -7.60
N ARG A 56 24.16 -15.45 -7.12
CA ARG A 56 22.83 -15.92 -7.51
C ARG A 56 21.78 -15.01 -6.88
N SER A 57 20.79 -14.64 -7.68
CA SER A 57 19.71 -13.80 -7.20
C SER A 57 19.05 -14.42 -5.98
N ARG A 58 18.66 -13.54 -5.06
CA ARG A 58 17.85 -13.91 -3.91
C ARG A 58 16.36 -13.83 -4.21
N GLY A 59 15.98 -13.49 -5.44
CA GLY A 59 14.57 -13.51 -5.83
C GLY A 59 13.77 -12.31 -5.40
N PHE A 60 14.42 -11.24 -4.96
CA PHE A 60 13.71 -10.01 -4.64
C PHE A 60 14.65 -8.83 -4.87
N GLY A 61 14.07 -7.65 -4.91
CA GLY A 61 14.82 -6.44 -5.09
C GLY A 61 13.98 -5.26 -4.68
N PHE A 62 14.49 -4.07 -5.02
N PHE A 62 14.48 -4.07 -4.99
CA PHE A 62 13.83 -2.82 -4.69
CA PHE A 62 13.71 -2.87 -4.71
C PHE A 62 13.96 -1.87 -5.86
C PHE A 62 13.98 -1.83 -5.78
N VAL A 63 12.97 -1.00 -6.02
CA VAL A 63 13.08 0.12 -6.94
C VAL A 63 12.69 1.37 -6.17
N THR A 64 13.32 2.49 -6.50
CA THR A 64 12.99 3.76 -5.88
C THR A 64 12.63 4.75 -6.97
N TYR A 65 11.43 5.31 -6.87
CA TYR A 65 10.96 6.32 -7.80
C TYR A 65 11.28 7.72 -7.32
N ALA A 66 11.24 8.67 -8.27
CA ALA A 66 11.48 10.07 -7.91
C ALA A 66 10.34 10.67 -7.08
N THR A 67 9.11 10.20 -7.25
CA THR A 67 7.99 10.76 -6.50
C THR A 67 7.03 9.66 -6.05
N VAL A 68 6.20 10.02 -5.06
CA VAL A 68 5.16 9.12 -4.57
C VAL A 68 4.12 8.85 -5.65
N GLU A 69 3.79 9.86 -6.47
CA GLU A 69 2.82 9.64 -7.53
C GLU A 69 3.30 8.55 -8.50
N GLU A 70 4.61 8.43 -8.73
CA GLU A 70 5.12 7.35 -9.55
C GLU A 70 4.95 6.00 -8.89
N VAL A 71 5.17 5.92 -7.57
CA VAL A 71 4.91 4.68 -6.85
C VAL A 71 3.46 4.27 -7.06
N ASP A 72 2.54 5.23 -6.91
CA ASP A 72 1.12 4.97 -7.12
C ASP A 72 0.87 4.44 -8.51
N ALA A 73 1.49 5.06 -9.53
CA ALA A 73 1.29 4.60 -10.89
C ALA A 73 1.77 3.17 -11.06
N ALA A 74 2.94 2.84 -10.50
CA ALA A 74 3.42 1.47 -10.62
C ALA A 74 2.49 0.50 -9.91
N MET A 75 2.00 0.86 -8.72
CA MET A 75 1.12 -0.06 -8.03
C MET A 75 -0.21 -0.19 -8.74
N ASN A 76 -0.69 0.89 -9.38
CA ASN A 76 -1.96 0.80 -10.09
C ASN A 76 -1.82 -0.04 -11.37
N ALA A 77 -0.60 -0.29 -11.83
CA ALA A 77 -0.37 -1.09 -13.04
C ALA A 77 -0.15 -2.57 -12.75
N ARG A 78 -0.28 -2.99 -11.49
CA ARG A 78 -0.25 -4.42 -11.18
C ARG A 78 -1.40 -5.12 -11.91
N PRO A 79 -1.25 -6.41 -12.21
CA PRO A 79 -0.09 -7.28 -11.95
C PRO A 79 1.07 -6.97 -12.85
N HIS A 80 2.27 -6.95 -12.27
CA HIS A 80 3.50 -6.77 -13.01
C HIS A 80 4.11 -8.11 -13.36
N LYS A 81 4.35 -8.35 -14.65
CA LYS A 81 5.07 -9.51 -15.12
C LYS A 81 6.46 -9.05 -15.52
N VAL A 82 7.47 -9.52 -14.80
CA VAL A 82 8.84 -9.07 -15.03
C VAL A 82 9.63 -10.28 -15.49
N ASP A 83 10.18 -10.19 -16.70
CA ASP A 83 10.96 -11.27 -17.27
C ASP A 83 10.19 -12.59 -17.20
N GLY A 84 8.88 -12.51 -17.44
CA GLY A 84 8.06 -13.70 -17.58
C GLY A 84 7.39 -14.18 -16.31
N ARG A 85 7.65 -13.56 -15.17
CA ARG A 85 7.14 -14.01 -13.89
C ARG A 85 6.32 -12.88 -13.25
N VAL A 86 5.13 -13.20 -12.73
CA VAL A 86 4.37 -12.20 -11.99
C VAL A 86 5.04 -11.98 -10.64
N VAL A 87 5.37 -10.72 -10.34
CA VAL A 87 6.12 -10.38 -9.13
C VAL A 87 5.18 -9.75 -8.11
N GLU A 88 5.68 -9.45 -6.93
CA GLU A 88 4.81 -8.96 -5.85
C GLU A 88 5.39 -7.67 -5.29
N PRO A 89 4.98 -6.53 -5.80
CA PRO A 89 5.45 -5.24 -5.27
C PRO A 89 4.69 -4.81 -4.04
N LYS A 90 5.42 -4.20 -3.10
CA LYS A 90 4.80 -3.64 -1.88
C LYS A 90 5.60 -2.42 -1.47
N ARG A 91 4.90 -1.41 -0.96
CA ARG A 91 5.59 -0.25 -0.41
C ARG A 91 6.45 -0.65 0.80
N ALA A 92 7.60 0.00 0.93
CA ALA A 92 8.50 -0.23 2.05
C ALA A 92 7.86 0.18 3.37
N VAL A 93 8.22 -0.55 4.43
CA VAL A 93 7.70 -0.23 5.75
C VAL A 93 8.28 1.10 6.24
N SER A 94 7.47 1.85 6.98
CA SER A 94 7.91 3.15 7.46
C SER A 94 7.22 3.54 8.77
N LEU A 105 2.35 -5.92 9.24
CA LEU A 105 1.95 -6.97 8.33
C LEU A 105 1.23 -6.42 7.10
N THR A 106 0.97 -7.28 6.13
CA THR A 106 0.27 -6.90 4.91
C THR A 106 -1.18 -7.35 5.05
N VAL A 107 -2.08 -6.39 5.25
CA VAL A 107 -3.48 -6.67 5.50
C VAL A 107 -4.32 -5.76 4.62
N LYS A 108 -5.62 -6.09 4.56
CA LYS A 108 -6.57 -5.37 3.70
C LYS A 108 -7.61 -4.61 4.51
N LYS A 109 -7.46 -4.56 5.83
CA LYS A 109 -8.51 -4.02 6.70
C LYS A 109 -7.94 -2.97 7.64
N ILE A 110 -8.73 -1.92 7.88
CA ILE A 110 -8.34 -0.85 8.82
C ILE A 110 -9.40 -0.63 9.87
N PHE A 111 -8.93 -0.21 11.03
CA PHE A 111 -9.73 0.40 12.08
C PHE A 111 -9.70 1.92 11.90
N VAL A 112 -10.87 2.54 12.03
CA VAL A 112 -11.03 3.99 11.89
C VAL A 112 -11.70 4.48 13.16
N GLY A 113 -10.98 5.23 13.98
CA GLY A 113 -11.53 5.74 15.22
C GLY A 113 -11.69 7.24 15.18
N GLY A 114 -12.54 7.77 16.06
CA GLY A 114 -12.75 9.21 16.14
C GLY A 114 -13.85 9.76 15.29
N ILE A 115 -14.76 8.91 14.76
CA ILE A 115 -15.77 9.39 13.83
C ILE A 115 -17.05 9.81 14.53
N LYS A 116 -17.13 9.63 15.85
CA LYS A 116 -18.25 10.09 16.65
C LYS A 116 -19.55 9.48 16.16
N GLU A 117 -20.67 10.14 16.49
CA GLU A 117 -21.99 9.57 16.22
C GLU A 117 -22.60 10.02 14.91
N ASP A 118 -22.07 11.08 14.28
CA ASP A 118 -22.69 11.63 13.08
C ASP A 118 -22.07 11.15 11.78
N THR A 119 -21.01 10.33 11.83
CA THR A 119 -20.39 9.85 10.61
C THR A 119 -21.15 8.62 10.09
N GLU A 120 -21.51 8.66 8.82
CA GLU A 120 -22.28 7.59 8.18
C GLU A 120 -21.41 6.82 7.21
N GLU A 121 -22.00 5.74 6.68
CA GLU A 121 -21.25 4.87 5.79
C GLU A 121 -20.77 5.63 4.56
N HIS A 122 -21.60 6.53 4.05
CA HIS A 122 -21.25 7.26 2.82
C HIS A 122 -20.08 8.21 3.05
N HIS A 123 -19.94 8.78 4.25
CA HIS A 123 -18.76 9.59 4.54
C HIS A 123 -17.49 8.76 4.43
N LEU A 124 -17.51 7.59 5.08
CA LEU A 124 -16.36 6.69 5.03
C LEU A 124 -16.11 6.19 3.62
N ARG A 125 -17.18 5.85 2.89
CA ARG A 125 -16.99 5.36 1.54
C ARG A 125 -16.43 6.45 0.62
N ASP A 126 -17.03 7.65 0.65
CA ASP A 126 -16.61 8.71 -0.25
C ASP A 126 -15.14 9.03 -0.10
N TYR A 127 -14.63 8.96 1.14
CA TYR A 127 -13.21 9.24 1.39
C TYR A 127 -12.34 8.05 1.06
N PHE A 128 -12.64 6.90 1.66
CA PHE A 128 -11.71 5.78 1.54
C PHE A 128 -11.75 5.12 0.17
N GLU A 129 -12.82 5.31 -0.62
CA GLU A 129 -12.82 4.72 -1.96
C GLU A 129 -11.73 5.32 -2.84
N GLN A 130 -11.19 6.48 -2.46
CA GLN A 130 -10.13 7.10 -3.23
C GLN A 130 -8.78 6.49 -2.91
N TYR A 131 -8.70 5.61 -1.90
CA TYR A 131 -7.50 4.83 -1.63
C TYR A 131 -7.55 3.45 -2.27
N GLY A 132 -8.75 2.98 -2.49
CA GLY A 132 -8.88 1.65 -3.10
C GLY A 132 -10.31 1.15 -3.11
N LYS A 133 -10.49 -0.02 -3.69
CA LYS A 133 -11.85 -0.58 -3.83
C LYS A 133 -12.27 -1.15 -2.47
N ILE A 134 -13.42 -0.69 -2.00
CA ILE A 134 -13.93 -1.13 -0.68
C ILE A 134 -14.81 -2.38 -0.85
N GLU A 135 -14.63 -3.34 0.04
CA GLU A 135 -15.53 -4.52 0.03
C GLU A 135 -16.50 -4.47 1.20
N VAL A 136 -16.09 -3.93 2.35
CA VAL A 136 -16.93 -3.96 3.55
C VAL A 136 -16.71 -2.68 4.32
N ILE A 137 -17.80 -2.03 4.76
CA ILE A 137 -17.72 -0.99 5.77
C ILE A 137 -18.60 -1.42 6.93
N GLU A 138 -18.03 -1.41 8.13
CA GLU A 138 -18.75 -1.81 9.34
C GLU A 138 -18.65 -0.69 10.35
N ILE A 139 -19.73 0.04 10.53
CA ILE A 139 -19.81 1.07 11.55
C ILE A 139 -20.26 0.41 12.85
N MET A 140 -19.44 0.56 13.89
CA MET A 140 -19.64 -0.19 15.12
C MET A 140 -20.68 0.47 16.02
N THR A 141 -21.57 -0.37 16.56
CA THR A 141 -22.63 0.08 17.46
C THR A 141 -22.55 -0.70 18.76
N ASP A 142 -23.14 -0.12 19.80
CA ASP A 142 -23.13 -0.73 21.11
C ASP A 142 -24.03 -1.95 21.13
N ARG A 143 -23.52 -3.06 21.67
CA ARG A 143 -24.21 -4.34 21.61
C ARG A 143 -25.51 -4.30 22.39
N GLY A 144 -25.62 -3.41 23.37
CA GLY A 144 -26.80 -3.30 24.20
C GLY A 144 -27.80 -2.27 23.76
N SER A 145 -27.33 -1.06 23.40
CA SER A 145 -28.18 0.09 23.09
C SER A 145 -28.33 0.37 21.60
N GLY A 146 -27.43 -0.14 20.77
CA GLY A 146 -27.45 0.15 19.36
C GLY A 146 -26.88 1.51 18.98
N LYS A 147 -26.40 2.29 19.94
CA LYS A 147 -25.83 3.59 19.63
C LYS A 147 -24.48 3.42 18.97
N LYS A 148 -24.15 4.35 18.07
CA LYS A 148 -22.85 4.30 17.42
C LYS A 148 -21.76 4.50 18.46
N ARG A 149 -20.69 3.71 18.33
CA ARG A 149 -19.57 3.80 19.25
C ARG A 149 -18.48 4.73 18.80
N GLY A 150 -18.56 5.25 17.58
CA GLY A 150 -17.57 6.20 17.10
C GLY A 150 -16.35 5.59 16.46
N PHE A 151 -16.46 4.36 15.95
CA PHE A 151 -15.36 3.79 15.17
C PHE A 151 -15.95 2.76 14.21
N ALA A 152 -15.13 2.38 13.24
CA ALA A 152 -15.59 1.56 12.12
C ALA A 152 -14.42 0.72 11.62
N PHE A 153 -14.76 -0.31 10.85
CA PHE A 153 -13.76 -1.09 10.14
C PHE A 153 -14.05 -0.99 8.64
N VAL A 154 -13.00 -0.85 7.85
CA VAL A 154 -13.15 -0.80 6.40
C VAL A 154 -12.24 -1.87 5.83
N THR A 155 -12.80 -2.72 4.99
CA THR A 155 -12.05 -3.78 4.32
C THR A 155 -11.95 -3.45 2.84
N PHE A 156 -10.74 -3.52 2.29
CA PHE A 156 -10.48 -3.23 0.89
C PHE A 156 -10.19 -4.52 0.13
N ASP A 157 -10.12 -4.32 -1.30
CA ASP A 157 -9.82 -5.58 -1.98
C ASP A 157 -8.35 -5.87 -2.07
N ASP A 158 -7.55 -5.01 -1.59
CA ASP A 158 -6.12 -5.14 -1.84
C ASP A 158 -5.37 -4.35 -0.79
N HIS A 159 -4.16 -4.82 -0.48
CA HIS A 159 -3.40 -4.26 0.63
C HIS A 159 -2.82 -2.89 0.34
N ASP A 160 -2.62 -2.51 -0.93
CA ASP A 160 -1.93 -1.24 -1.17
C ASP A 160 -2.76 -0.05 -0.68
N SER A 161 -4.08 -0.17 -0.73
N SER A 161 -4.08 -0.18 -0.69
CA SER A 161 -4.94 0.86 -0.14
CA SER A 161 -4.94 0.87 -0.14
C SER A 161 -4.55 1.13 1.30
C SER A 161 -4.61 1.14 1.32
N VAL A 162 -4.49 0.07 2.12
CA VAL A 162 -4.13 0.20 3.52
C VAL A 162 -2.73 0.77 3.66
N ASP A 163 -1.80 0.30 2.82
CA ASP A 163 -0.42 0.76 2.95
C ASP A 163 -0.32 2.25 2.67
N LYS A 164 -1.10 2.77 1.72
CA LYS A 164 -1.13 4.21 1.49
C LYS A 164 -1.77 4.93 2.68
N ILE A 165 -2.84 4.35 3.23
CA ILE A 165 -3.58 5.00 4.30
C ILE A 165 -2.73 5.18 5.55
N VAL A 166 -1.99 4.13 5.94
CA VAL A 166 -1.34 4.19 7.26
C VAL A 166 -0.08 5.04 7.28
N ILE A 167 0.44 5.44 6.11
CA ILE A 167 1.61 6.30 6.11
C ILE A 167 1.22 7.77 6.12
N GLN A 168 -0.05 8.10 5.92
CA GLN A 168 -0.49 9.48 6.06
C GLN A 168 -0.42 9.91 7.52
N LYS A 169 0.00 11.16 7.75
CA LYS A 169 -0.02 11.71 9.11
C LYS A 169 -1.43 11.98 9.61
N TYR A 170 -2.35 12.35 8.71
CA TYR A 170 -3.68 12.80 9.10
C TYR A 170 -4.76 12.13 8.24
N HIS A 171 -5.92 11.93 8.85
CA HIS A 171 -7.12 11.54 8.12
C HIS A 171 -8.28 12.35 8.65
N THR A 172 -8.97 13.05 7.74
CA THR A 172 -10.11 13.89 8.06
C THR A 172 -11.32 13.34 7.32
N VAL A 173 -12.35 12.94 8.07
CA VAL A 173 -13.57 12.39 7.51
C VAL A 173 -14.73 13.07 8.19
N ASN A 174 -15.63 13.65 7.42
CA ASN A 174 -16.81 14.31 7.96
C ASN A 174 -16.41 15.33 9.03
N GLY A 175 -15.34 16.08 8.75
CA GLY A 175 -14.86 17.10 9.67
C GLY A 175 -14.13 16.60 10.89
N HIS A 176 -14.03 15.28 11.09
CA HIS A 176 -13.34 14.70 12.23
C HIS A 176 -11.90 14.32 11.88
N ASN A 177 -11.00 14.54 12.83
CA ASN A 177 -9.62 14.08 12.73
C ASN A 177 -9.59 12.64 13.28
N CYS A 178 -9.32 11.67 12.40
CA CYS A 178 -9.49 10.25 12.71
C CYS A 178 -8.16 9.57 13.02
N GLU A 179 -8.24 8.53 13.82
CA GLU A 179 -7.12 7.64 14.08
C GLU A 179 -7.32 6.38 13.24
N VAL A 180 -6.36 6.04 12.39
CA VAL A 180 -6.50 4.90 11.51
C VAL A 180 -5.33 3.96 11.75
N ARG A 181 -5.62 2.67 11.86
CA ARG A 181 -4.57 1.67 12.01
C ARG A 181 -4.99 0.40 11.30
N LYS A 182 -4.00 -0.46 11.01
CA LYS A 182 -4.31 -1.78 10.46
C LYS A 182 -5.13 -2.60 11.45
N ALA A 183 -6.06 -3.40 10.93
CA ALA A 183 -6.84 -4.34 11.71
C ALA A 183 -6.50 -5.76 11.28
N LEU A 184 -6.24 -6.64 12.26
CA LEU A 184 -5.63 -7.94 12.01
C LEU A 184 -6.58 -9.09 12.30
N SER A 185 -6.34 -10.20 11.60
CA SER A 185 -7.06 -11.44 11.82
C SER A 185 -6.73 -12.02 13.19
#